data_4ZY5
#
_entry.id   4ZY5
#
_cell.length_a   62.566
_cell.length_b   81.900
_cell.length_c   65.800
_cell.angle_alpha   90.00
_cell.angle_beta   106.04
_cell.angle_gamma   90.00
#
_symmetry.space_group_name_H-M   'P 1 21 1'
#
loop_
_entity.id
_entity.type
_entity.pdbx_description
1 polymer 'Serine/threonine-protein kinase PAK 1'
2 non-polymer N~2~-[(trans-4-aminocyclohexyl)methyl]-N~4~-(3-cyclopropyl-1H-pyrazol-5-yl)pyrimidine-2,4-diamine
3 non-polymer 'SULFATE ION'
4 non-polymer 'DIMETHYL SULFOXIDE'
5 water water
#
_entity_poly.entity_id   1
_entity_poly.type   'polypeptide(L)'
_entity_poly.pdbx_seq_one_letter_code
;GSDEEILEKLRSIVSVGDPKKKYTRFEKIGQGASGTVYTAMDVATGQEVAIKQMNLQQQPKKELIINEILVMRENKNPNI
VNYLDSYLVGDELWVVMEYLAGGSLTDVVTETCMDEGQIAAVCRECLQALEFLHSNQVIHRNIKSDNILLGMDGSVKLTD
FGFCAQITPEQSKRSTMVGTPYWMAPEVVTRKAYGPKVDIWSLGIMAIEMIEGEPPYLNENPLRALYLIATNGTPELQNP
EKLSAIFRDFLNRCLEMDVEKRGSAKELLQHQFLKIAKPLSSLTPLIAAAKEATKNNHGNS
;
_entity_poly.pdbx_strand_id   A,B
#
loop_
_chem_comp.id
_chem_comp.type
_chem_comp.name
_chem_comp.formula
4T5 non-polymer N~2~-[(trans-4-aminocyclohexyl)methyl]-N~4~-(3-cyclopropyl-1H-pyrazol-5-yl)pyrimidine-2,4-diamine 'C17 H25 N7'
DMS non-polymer 'DIMETHYL SULFOXIDE' 'C2 H6 O S'
SO4 non-polymer 'SULFATE ION' 'O4 S -2'
#
# COMPACT_ATOMS: atom_id res chain seq x y z
N GLU A 4 -17.48 -12.32 -0.70
CA GLU A 4 -16.97 -11.71 0.52
C GLU A 4 -18.08 -11.42 1.51
N GLU A 5 -18.42 -12.42 2.32
CA GLU A 5 -19.40 -12.22 3.39
C GLU A 5 -18.71 -11.60 4.59
N ILE A 6 -17.42 -11.29 4.41
CA ILE A 6 -16.65 -10.54 5.41
C ILE A 6 -17.10 -9.08 5.40
N LEU A 7 -17.73 -8.67 4.30
CA LEU A 7 -18.17 -7.29 4.13
C LEU A 7 -19.43 -7.01 4.94
N GLU A 8 -20.27 -8.03 5.13
CA GLU A 8 -21.46 -7.86 5.97
C GLU A 8 -21.10 -7.98 7.45
N LYS A 9 -19.91 -8.51 7.72
CA LYS A 9 -19.38 -8.54 9.08
C LYS A 9 -18.94 -7.13 9.50
N LEU A 10 -18.43 -6.37 8.54
CA LEU A 10 -18.01 -4.99 8.80
C LEU A 10 -19.21 -4.05 8.89
N ARG A 11 -20.24 -4.31 8.09
CA ARG A 11 -21.45 -3.49 8.13
C ARG A 11 -22.18 -3.66 9.45
N SER A 12 -21.92 -4.80 10.08
CA SER A 12 -22.54 -5.14 11.36
C SER A 12 -21.97 -4.30 12.51
N ILE A 13 -20.66 -4.04 12.45
CA ILE A 13 -19.96 -3.35 13.53
C ILE A 13 -20.27 -1.85 13.56
N VAL A 14 -20.31 -1.23 12.39
CA VAL A 14 -20.41 0.23 12.28
C VAL A 14 -21.64 0.82 12.96
N SER A 15 -21.62 2.15 13.12
CA SER A 15 -22.75 2.87 13.70
C SER A 15 -23.71 3.33 12.60
N VAL A 16 -24.92 3.69 13.00
CA VAL A 16 -25.97 4.04 12.05
C VAL A 16 -25.65 5.30 11.24
N GLY A 17 -25.67 6.45 11.90
CA GLY A 17 -25.47 7.72 11.22
C GLY A 17 -26.58 8.69 11.60
N ASP A 18 -26.54 9.91 11.05
CA ASP A 18 -25.50 10.34 10.12
C ASP A 18 -24.30 10.92 10.84
N PRO A 19 -23.10 10.74 10.27
CA PRO A 19 -21.87 11.27 10.87
C PRO A 19 -21.83 12.79 10.86
N LYS A 20 -22.60 13.39 9.95
CA LYS A 20 -22.63 14.84 9.82
C LYS A 20 -23.64 15.45 10.78
N LYS A 21 -23.58 15.06 12.05
CA LYS A 21 -24.55 15.54 13.02
C LYS A 21 -24.05 15.38 14.46
N LYS A 22 -22.79 14.94 14.61
CA LYS A 22 -22.23 14.74 15.93
C LYS A 22 -20.88 15.44 16.09
N TYR A 23 -20.07 15.38 15.04
CA TYR A 23 -18.69 15.84 15.12
C TYR A 23 -18.39 17.03 14.22
N THR A 24 -19.44 17.59 13.61
CA THR A 24 -19.29 18.68 12.64
C THR A 24 -18.35 18.24 11.52
N ARG A 25 -17.31 19.03 11.24
CA ARG A 25 -16.38 18.71 10.17
C ARG A 25 -15.17 19.64 10.15
N PHE A 26 -14.09 19.16 9.52
CA PHE A 26 -12.90 19.96 9.25
C PHE A 26 -11.94 19.20 8.34
N LYS A 28 -7.74 18.05 7.10
CA LYS A 28 -7.00 17.03 6.35
C LYS A 28 -5.58 16.88 6.88
N ILE A 29 -5.45 16.54 8.16
CA ILE A 29 -4.14 16.48 8.81
C ILE A 29 -3.43 15.15 8.56
N GLY A 30 -2.55 15.13 7.57
CA GLY A 30 -1.77 13.94 7.26
C GLY A 30 -2.57 12.85 6.55
N GLN A 31 -1.88 12.07 5.72
CA GLN A 31 -2.52 10.99 4.96
C GLN A 31 -1.51 10.06 4.32
N GLY A 32 -1.72 8.76 4.50
CA GLY A 32 -0.91 7.75 3.85
C GLY A 32 -1.65 7.14 2.67
N ALA A 33 -1.36 5.89 2.37
CA ALA A 33 -2.08 5.18 1.31
C ALA A 33 -3.21 4.36 1.90
N SER A 34 -2.98 3.85 3.11
CA SER A 34 -4.00 3.11 3.84
C SER A 34 -5.02 4.05 4.47
N GLY A 35 -5.73 4.79 3.63
CA GLY A 35 -6.69 5.77 4.10
C GLY A 35 -6.07 7.15 4.28
N THR A 36 -6.91 8.11 4.67
CA THR A 36 -6.46 9.46 4.97
C THR A 36 -7.04 9.92 6.30
N VAL A 37 -6.45 10.95 6.91
CA VAL A 37 -6.86 11.36 8.27
C VAL A 37 -7.34 12.82 8.34
N TYR A 38 -8.35 13.07 9.15
CA TYR A 38 -8.93 14.42 9.30
C TYR A 38 -9.17 14.78 10.76
N THR A 39 -9.79 15.95 10.99
CA THR A 39 -10.04 16.43 12.35
C THR A 39 -11.49 16.94 12.48
N ALA A 40 -12.00 16.97 13.71
CA ALA A 40 -13.36 17.47 13.97
C ALA A 40 -13.60 17.72 15.47
N MET A 41 -14.82 18.14 15.82
CA MET A 41 -15.18 18.44 17.21
C MET A 41 -16.58 17.96 17.58
N ASP A 42 -16.70 17.30 18.74
CA ASP A 42 -17.97 16.81 19.23
C ASP A 42 -18.89 17.96 19.63
N VAL A 43 -20.13 17.91 19.14
CA VAL A 43 -21.11 18.95 19.43
C VAL A 43 -21.53 18.91 20.90
N ALA A 44 -21.64 17.70 21.45
CA ALA A 44 -22.17 17.51 22.80
C ALA A 44 -21.30 18.14 23.90
N THR A 45 -20.19 17.48 24.23
CA THR A 45 -19.34 17.90 25.34
C THR A 45 -18.22 18.83 24.92
N GLY A 46 -18.09 19.06 23.61
CA GLY A 46 -17.07 19.93 23.09
C GLY A 46 -15.73 19.24 22.92
N GLN A 47 -15.76 17.93 22.73
CA GLN A 47 -14.53 17.15 22.54
C GLN A 47 -14.05 17.22 21.10
N GLU A 48 -12.73 17.18 20.92
CA GLU A 48 -12.11 17.26 19.60
C GLU A 48 -11.65 15.87 19.16
N VAL A 49 -11.91 15.51 17.90
CA VAL A 49 -11.65 14.14 17.45
C VAL A 49 -10.87 14.04 16.13
N ALA A 50 -10.29 12.87 15.88
CA ALA A 50 -9.62 12.56 14.63
C ALA A 50 -10.37 11.45 13.90
N ILE A 51 -10.42 11.53 12.58
CA ILE A 51 -11.17 10.55 11.80
C ILE A 51 -10.39 10.03 10.60
N LYS A 52 -10.16 8.73 10.56
CA LYS A 52 -9.49 8.10 9.43
C LYS A 52 -10.52 7.58 8.43
N GLN A 53 -10.22 7.70 7.14
CA GLN A 53 -11.11 7.20 6.10
C GLN A 53 -10.48 6.01 5.38
N GLN A 59 -10.32 -3.14 0.31
CA GLN A 59 -10.02 -1.85 -0.31
C GLN A 59 -8.66 -1.24 0.02
N PRO A 60 -7.56 -2.04 -0.01
CA PRO A 60 -7.37 -3.48 -0.23
C PRO A 60 -7.37 -4.29 1.08
N LYS A 61 -7.97 -5.48 1.04
CA LYS A 61 -8.02 -6.37 2.20
C LYS A 61 -8.59 -5.69 3.43
N LYS A 62 -9.91 -5.68 3.55
CA LYS A 62 -10.58 -4.95 4.61
C LYS A 62 -10.69 -5.75 5.91
N GLU A 63 -10.19 -6.98 5.89
CA GLU A 63 -10.22 -7.81 7.09
C GLU A 63 -9.29 -7.24 8.17
N LEU A 64 -8.26 -6.52 7.73
CA LEU A 64 -7.38 -5.82 8.65
C LEU A 64 -8.13 -4.71 9.37
N ILE A 65 -9.03 -4.05 8.63
CA ILE A 65 -9.86 -2.98 9.20
C ILE A 65 -10.75 -3.51 10.32
N ILE A 66 -11.42 -4.63 10.06
CA ILE A 66 -12.24 -5.28 11.08
C ILE A 66 -11.41 -5.61 12.31
N ASN A 67 -10.25 -6.22 12.09
CA ASN A 67 -9.34 -6.56 13.17
C ASN A 67 -8.92 -5.31 13.95
N GLU A 68 -8.71 -4.20 13.23
CA GLU A 68 -8.28 -2.97 13.88
C GLU A 68 -9.40 -2.43 14.77
N ILE A 69 -10.62 -2.38 14.24
CA ILE A 69 -11.74 -1.84 15.00
C ILE A 69 -12.08 -2.72 16.19
N LEU A 70 -12.12 -4.03 15.98
CA LEU A 70 -12.41 -4.97 17.07
C LEU A 70 -11.41 -4.86 18.20
N VAL A 71 -10.14 -5.12 17.90
CA VAL A 71 -9.07 -5.07 18.89
C VAL A 71 -9.05 -3.74 19.64
N MET A 72 -9.25 -2.66 18.91
CA MET A 72 -9.24 -1.34 19.52
C MET A 72 -10.32 -1.17 20.57
N ARG A 73 -11.57 -1.46 20.23
CA ARG A 73 -12.65 -1.12 21.14
C ARG A 73 -12.76 -2.10 22.30
N GLU A 74 -12.08 -3.24 22.20
CA GLU A 74 -12.10 -4.20 23.30
C GLU A 74 -10.80 -4.19 24.11
N ASN A 75 -9.90 -3.28 23.75
CA ASN A 75 -8.69 -3.07 24.54
C ASN A 75 -8.45 -1.59 24.83
N LYS A 76 -9.29 -1.00 25.68
CA LYS A 76 -9.17 0.40 26.06
C LYS A 76 -8.09 0.60 27.12
N ASN A 77 -7.29 1.64 26.95
CA ASN A 77 -6.18 1.92 27.84
C ASN A 77 -5.70 3.35 27.67
N PRO A 78 -5.30 4.01 28.77
CA PRO A 78 -4.79 5.39 28.69
C PRO A 78 -3.61 5.55 27.74
N ASN A 79 -2.80 4.51 27.55
CA ASN A 79 -1.67 4.57 26.63
C ASN A 79 -1.99 4.04 25.24
N ILE A 80 -3.29 3.95 24.93
CA ILE A 80 -3.73 3.54 23.60
C ILE A 80 -4.67 4.60 23.05
N VAL A 81 -4.49 4.94 21.78
CA VAL A 81 -5.37 5.91 21.14
C VAL A 81 -6.80 5.38 21.08
N ASN A 82 -7.65 5.99 21.89
CA ASN A 82 -9.02 5.54 22.10
C ASN A 82 -9.86 5.52 20.83
N TYR A 83 -10.46 4.38 20.53
CA TYR A 83 -11.47 4.27 19.47
C TYR A 83 -12.81 4.83 19.97
N LEU A 84 -13.53 5.53 19.11
CA LEU A 84 -14.78 6.18 19.50
C LEU A 84 -15.98 5.65 18.73
N ASP A 85 -16.01 5.93 17.43
CA ASP A 85 -17.14 5.54 16.60
C ASP A 85 -16.68 5.09 15.21
N SER A 86 -17.64 4.68 14.39
CA SER A 86 -17.38 4.18 13.03
C SER A 86 -18.62 4.28 12.15
N TYR A 87 -18.43 4.69 10.90
CA TYR A 87 -19.56 4.89 9.98
C TYR A 87 -19.26 4.50 8.53
N LEU A 88 -20.25 4.70 7.66
CA LEU A 88 -20.18 4.38 6.24
C LEU A 88 -21.07 5.34 5.43
N GLU A 92 -16.23 4.09 2.12
CA GLU A 92 -15.04 3.86 2.94
C GLU A 92 -15.45 3.86 4.40
N LEU A 93 -14.48 3.74 5.29
CA LEU A 93 -14.77 3.68 6.72
C LEU A 93 -14.62 5.06 7.34
N TRP A 94 -15.47 5.35 8.33
CA TRP A 94 -15.37 6.60 9.06
C TRP A 94 -14.96 6.32 10.50
N VAL A 95 -13.76 5.79 10.68
CA VAL A 95 -13.26 5.45 12.00
C VAL A 95 -12.93 6.72 12.78
N VAL A 96 -13.60 6.89 13.91
CA VAL A 96 -13.38 8.05 14.76
C VAL A 96 -12.58 7.67 16.00
N MET A 97 -11.47 8.34 16.21
CA MET A 97 -10.65 8.10 17.40
C MET A 97 -10.30 9.44 18.03
N GLU A 98 -9.67 9.41 19.21
CA GLU A 98 -9.30 10.65 19.85
C GLU A 98 -8.18 11.33 19.09
N TYR A 99 -8.13 12.65 19.19
CA TYR A 99 -7.13 13.45 18.48
C TYR A 99 -5.99 13.84 19.40
N LEU A 100 -4.79 13.41 19.04
CA LEU A 100 -3.58 13.82 19.72
C LEU A 100 -2.89 14.85 18.85
N ALA A 101 -2.79 16.07 19.37
CA ALA A 101 -2.34 17.21 18.57
C ALA A 101 -0.82 17.32 18.52
N GLY A 102 -0.12 16.68 19.45
CA GLY A 102 1.32 16.75 19.49
C GLY A 102 1.96 16.12 18.26
N GLY A 103 1.27 15.15 17.67
CA GLY A 103 1.79 14.51 16.47
C GLY A 103 2.55 13.22 16.73
N SER A 104 3.20 12.70 15.69
CA SER A 104 3.87 11.41 15.78
C SER A 104 5.24 11.52 16.43
N LEU A 105 5.70 10.44 17.03
CA LEU A 105 7.01 10.41 17.65
C LEU A 105 8.11 10.45 16.57
N THR A 106 7.76 10.08 15.34
CA THR A 106 8.72 10.08 14.24
C THR A 106 9.30 11.48 14.03
N ASP A 107 8.44 12.50 14.11
CA ASP A 107 8.90 13.87 13.96
C ASP A 107 9.87 14.28 15.05
N VAL A 108 9.59 13.87 16.28
CA VAL A 108 10.47 14.19 17.40
C VAL A 108 11.84 13.51 17.26
N VAL A 109 11.86 12.21 16.98
CA VAL A 109 13.12 11.45 16.95
C VAL A 109 14.02 11.85 15.78
N THR A 110 13.43 12.36 14.70
CA THR A 110 14.20 12.69 13.51
C THR A 110 14.60 14.16 13.43
N GLU A 111 14.01 15.01 14.26
CA GLU A 111 14.27 16.45 14.16
C GLU A 111 14.79 17.05 15.46
N THR A 112 14.79 16.26 16.53
CA THR A 112 15.25 16.76 17.83
C THR A 112 16.15 15.76 18.52
N CYS A 113 16.88 16.24 19.53
CA CYS A 113 17.68 15.39 20.38
C CYS A 113 16.96 15.20 21.69
N MET A 114 16.87 13.95 22.15
CA MET A 114 16.18 13.62 23.39
C MET A 114 17.21 13.18 24.43
N ASP A 115 17.15 13.74 25.63
CA ASP A 115 18.04 13.23 26.67
C ASP A 115 17.42 11.97 27.27
N GLU A 116 18.19 11.27 28.11
CA GLU A 116 17.78 9.94 28.56
C GLU A 116 16.54 9.99 29.42
N GLY A 117 16.30 11.11 30.09
CA GLY A 117 15.11 11.30 30.89
C GLY A 117 13.86 11.33 30.02
N GLN A 118 13.97 11.96 28.86
CA GLN A 118 12.86 12.02 27.93
C GLN A 118 12.61 10.68 27.26
N ILE A 119 13.69 9.99 26.91
CA ILE A 119 13.59 8.66 26.29
C ILE A 119 12.95 7.68 27.28
N ALA A 120 13.38 7.77 28.54
CA ALA A 120 12.87 6.91 29.59
C ALA A 120 11.36 7.09 29.79
N ALA A 121 10.91 8.34 29.78
CA ALA A 121 9.49 8.63 29.96
C ALA A 121 8.64 7.97 28.87
N VAL A 122 9.12 8.03 27.64
CA VAL A 122 8.42 7.47 26.50
C VAL A 122 8.41 5.94 26.55
N CYS A 123 9.58 5.36 26.79
CA CYS A 123 9.72 3.91 26.92
C CYS A 123 8.77 3.35 27.98
N ARG A 124 8.65 4.06 29.10
CA ARG A 124 7.77 3.66 30.19
C ARG A 124 6.31 3.62 29.75
N GLU A 125 5.83 4.72 29.15
CA GLU A 125 4.45 4.77 28.67
C GLU A 125 4.18 3.66 27.65
N CYS A 126 5.15 3.39 26.78
CA CYS A 126 4.99 2.35 25.76
C CYS A 126 4.98 0.96 26.39
N LEU A 127 5.84 0.75 27.37
CA LEU A 127 5.87 -0.52 28.09
C LEU A 127 4.55 -0.76 28.83
N GLN A 128 3.92 0.32 29.28
CA GLN A 128 2.63 0.23 29.96
C GLN A 128 1.55 -0.23 28.99
N ALA A 129 1.59 0.30 27.78
CA ALA A 129 0.68 -0.13 26.73
C ALA A 129 0.92 -1.59 26.34
N LEU A 130 2.19 -1.98 26.24
CA LEU A 130 2.54 -3.34 25.86
C LEU A 130 2.23 -4.34 26.97
N GLU A 131 2.45 -3.94 28.21
CA GLU A 131 2.15 -4.81 29.34
C GLU A 131 0.65 -5.07 29.42
N PHE A 132 -0.13 -4.05 29.05
CA PHE A 132 -1.59 -4.18 29.00
C PHE A 132 -2.04 -5.08 27.86
N LEU A 133 -1.51 -4.84 26.66
CA LEU A 133 -1.91 -5.60 25.47
C LEU A 133 -1.53 -7.07 25.56
N HIS A 134 -0.30 -7.33 26.02
CA HIS A 134 0.18 -8.70 26.13
C HIS A 134 -0.59 -9.48 27.18
N SER A 135 -1.00 -8.80 28.25
CA SER A 135 -1.75 -9.47 29.31
C SER A 135 -3.17 -9.78 28.83
N ASN A 136 -3.57 -9.14 27.74
CA ASN A 136 -4.82 -9.49 27.07
C ASN A 136 -4.56 -10.29 25.80
N GLN A 137 -3.45 -11.02 25.79
CA GLN A 137 -3.09 -11.91 24.69
C GLN A 137 -3.05 -11.22 23.32
N VAL A 138 -2.69 -9.94 23.29
CA VAL A 138 -2.61 -9.24 22.01
C VAL A 138 -1.19 -8.79 21.70
N ILE A 139 -0.69 -9.22 20.55
CA ILE A 139 0.60 -8.76 20.05
C ILE A 139 0.40 -7.72 18.96
N HIS A 140 0.98 -6.55 19.14
CA HIS A 140 0.78 -5.45 18.23
C HIS A 140 1.48 -5.69 16.89
N ARG A 141 2.75 -6.10 17.00
CA ARG A 141 3.60 -6.52 15.87
C ARG A 141 4.05 -5.40 14.92
N ASN A 142 3.67 -4.16 15.22
CA ASN A 142 4.12 -3.06 14.37
C ASN A 142 4.49 -1.83 15.19
N ILE A 143 5.19 -2.05 16.28
CA ILE A 143 5.74 -0.97 17.08
C ILE A 143 6.84 -0.27 16.31
N LYS A 144 6.74 1.06 16.26
CA LYS A 144 7.74 1.95 15.67
C LYS A 144 7.27 3.35 15.98
N SER A 145 8.16 4.34 15.88
CA SER A 145 7.82 5.70 16.27
C SER A 145 6.63 6.25 15.49
N ASP A 146 6.44 5.76 14.27
CA ASP A 146 5.33 6.18 13.42
C ASP A 146 3.96 5.88 14.04
N ASN A 147 3.90 4.86 14.89
CA ASN A 147 2.64 4.46 15.51
C ASN A 147 2.58 4.90 16.97
N ILE A 148 3.34 5.95 17.27
CA ILE A 148 3.25 6.61 18.56
C ILE A 148 2.78 8.04 18.36
N LEU A 149 1.64 8.37 18.93
CA LEU A 149 1.11 9.73 18.87
C LEU A 149 1.33 10.46 20.19
N LEU A 150 1.52 11.77 20.12
CA LEU A 150 1.81 12.56 21.30
C LEU A 150 0.73 13.59 21.58
N GLY A 151 0.34 13.73 22.84
CA GLY A 151 -0.58 14.79 23.23
C GLY A 151 0.17 16.08 23.43
N MET A 152 -0.55 17.20 23.37
CA MET A 152 0.05 18.52 23.63
C MET A 152 0.52 18.62 25.08
N ASP A 153 -0.07 17.80 25.93
CA ASP A 153 0.34 17.71 27.34
C ASP A 153 1.51 16.73 27.51
N GLY A 154 1.96 16.15 26.41
CA GLY A 154 3.05 15.19 26.46
C GLY A 154 2.62 13.74 26.64
N SER A 155 1.34 13.48 26.49
CA SER A 155 0.83 12.11 26.57
C SER A 155 1.38 11.25 25.45
N VAL A 156 1.64 9.98 25.74
CA VAL A 156 2.21 9.04 24.78
C VAL A 156 1.25 7.86 24.52
N LYS A 157 0.76 7.75 23.28
CA LYS A 157 -0.25 6.76 22.99
C LYS A 157 0.03 5.91 21.75
N LEU A 158 -0.30 4.63 21.86
CA LEU A 158 -0.07 3.66 20.81
C LEU A 158 -1.25 3.58 19.85
N THR A 159 -0.97 3.44 18.56
CA THR A 159 -2.03 3.30 17.55
C THR A 159 -1.68 2.28 16.46
N ASP A 160 -2.53 2.21 15.44
CA ASP A 160 -2.37 1.32 14.28
C ASP A 160 -2.39 -0.17 14.67
N PHE A 161 -3.59 -0.73 14.83
CA PHE A 161 -3.71 -2.10 15.34
C PHE A 161 -4.07 -3.15 14.29
N GLY A 162 -3.99 -2.78 13.01
CA GLY A 162 -4.39 -3.66 11.93
C GLY A 162 -3.56 -4.92 11.78
N PHE A 163 -2.38 -4.97 12.38
CA PHE A 163 -1.49 -6.12 12.26
C PHE A 163 -1.45 -6.92 13.55
N CYS A 164 -2.41 -6.66 14.42
CA CYS A 164 -2.50 -7.35 15.70
C CYS A 164 -2.76 -8.85 15.55
N ALA A 165 -2.01 -9.63 16.34
CA ALA A 165 -2.25 -11.06 16.45
C ALA A 165 -2.90 -11.37 17.79
N GLN A 166 -4.08 -11.97 17.75
CA GLN A 166 -4.76 -12.42 18.97
C GLN A 166 -4.36 -13.86 19.24
N ILE A 167 -3.66 -14.08 20.35
CA ILE A 167 -3.18 -15.41 20.68
C ILE A 167 -3.97 -16.03 21.82
N THR A 168 -3.78 -17.33 22.01
CA THR A 168 -4.49 -18.09 23.02
C THR A 168 -3.61 -19.28 23.43
N PRO A 169 -3.81 -19.81 24.65
CA PRO A 169 -3.03 -20.95 25.15
C PRO A 169 -2.86 -22.13 24.15
N GLU A 170 -3.80 -22.29 23.23
CA GLU A 170 -3.73 -23.38 22.26
C GLU A 170 -2.86 -23.01 21.05
N GLN A 171 -2.80 -21.71 20.73
CA GLN A 171 -1.95 -21.22 19.65
C GLN A 171 -1.34 -19.88 20.02
N SER A 172 -0.41 -19.90 20.97
CA SER A 172 0.20 -18.69 21.50
C SER A 172 1.42 -18.24 20.70
N LYS A 173 1.58 -18.80 19.50
CA LYS A 173 2.70 -18.45 18.65
C LYS A 173 2.24 -18.15 17.22
N ARG A 174 3.02 -17.33 16.52
CA ARG A 174 2.81 -17.09 15.09
C ARG A 174 4.15 -17.26 14.39
N SER A 175 4.13 -17.29 13.06
CA SER A 175 5.36 -17.52 12.30
C SER A 175 5.41 -16.71 11.00
N THR A 176 4.41 -15.85 10.83
CA THR A 176 4.31 -15.03 9.62
C THR A 176 5.15 -13.75 9.72
N MET A 177 5.67 -13.31 8.59
CA MET A 177 6.46 -12.08 8.53
C MET A 177 5.56 -10.86 8.44
N VAL A 178 5.08 -10.36 9.57
CA VAL A 178 4.32 -9.13 9.54
C VAL A 178 5.01 -8.05 10.37
N GLY A 179 4.77 -6.79 9.99
CA GLY A 179 5.44 -5.67 10.59
C GLY A 179 6.16 -4.83 9.56
N THR A 180 7.14 -4.07 10.04
CA THR A 180 7.93 -3.18 9.21
C THR A 180 9.39 -3.56 9.38
N PRO A 181 10.09 -3.86 8.26
CA PRO A 181 11.38 -4.55 8.25
C PRO A 181 12.37 -4.09 9.31
N TYR A 182 12.69 -2.80 9.31
CA TYR A 182 13.70 -2.27 10.21
C TYR A 182 13.38 -2.47 11.69
N TRP A 183 12.11 -2.68 12.04
CA TRP A 183 11.71 -2.87 13.43
C TRP A 183 11.40 -4.33 13.79
N MET A 184 11.44 -5.24 12.82
CA MET A 184 11.07 -6.64 13.08
C MET A 184 12.13 -7.45 13.85
N ALA A 185 11.67 -8.27 14.78
CA ALA A 185 12.54 -9.14 15.56
C ALA A 185 13.09 -10.29 14.71
N PRO A 186 14.30 -10.75 15.03
CA PRO A 186 14.97 -11.83 14.27
C PRO A 186 14.09 -13.06 14.08
N GLU A 187 13.42 -13.49 15.14
CA GLU A 187 12.56 -14.66 15.07
C GLU A 187 11.39 -14.46 14.09
N VAL A 188 10.85 -13.24 14.01
CA VAL A 188 9.80 -12.94 13.03
C VAL A 188 10.35 -12.98 11.61
N VAL A 189 11.53 -12.38 11.43
CA VAL A 189 12.17 -12.33 10.11
C VAL A 189 12.46 -13.73 9.57
N THR A 190 12.87 -14.64 10.45
CA THR A 190 13.23 -15.99 10.04
C THR A 190 12.07 -16.98 10.15
N ARG A 191 10.85 -16.45 10.19
CA ARG A 191 9.64 -17.27 10.19
C ARG A 191 9.63 -18.34 11.29
N LYS A 192 10.21 -18.01 12.43
CA LYS A 192 10.20 -18.92 13.57
C LYS A 192 8.98 -18.67 14.45
N ALA A 193 8.72 -19.57 15.37
CA ALA A 193 7.60 -19.41 16.29
C ALA A 193 7.91 -18.31 17.28
N TYR A 194 7.10 -17.25 17.26
CA TYR A 194 7.37 -16.08 18.10
C TYR A 194 6.16 -15.67 18.94
N GLY A 195 6.39 -14.80 19.92
CA GLY A 195 5.33 -14.34 20.80
C GLY A 195 5.41 -12.86 21.09
N PRO A 196 4.74 -12.42 22.16
CA PRO A 196 4.60 -11.00 22.52
C PRO A 196 5.93 -10.25 22.62
N LYS A 197 6.99 -10.97 22.99
CA LYS A 197 8.30 -10.35 23.17
C LYS A 197 8.87 -9.77 21.88
N VAL A 198 8.21 -10.02 20.75
CA VAL A 198 8.61 -9.38 19.50
C VAL A 198 8.33 -7.88 19.57
N ASP A 199 7.26 -7.49 20.26
CA ASP A 199 6.95 -6.09 20.48
C ASP A 199 8.06 -5.42 21.30
N ILE A 200 8.63 -6.18 22.23
CA ILE A 200 9.71 -5.67 23.06
C ILE A 200 10.95 -5.40 22.19
N TRP A 201 11.20 -6.27 21.23
CA TRP A 201 12.31 -6.04 20.30
C TRP A 201 12.08 -4.77 19.50
N SER A 202 10.85 -4.58 19.01
CA SER A 202 10.52 -3.41 18.20
C SER A 202 10.64 -2.15 19.05
N LEU A 203 10.32 -2.26 20.33
CA LEU A 203 10.47 -1.15 21.26
C LEU A 203 11.93 -0.74 21.36
N GLY A 204 12.81 -1.74 21.46
CA GLY A 204 14.24 -1.50 21.50
C GLY A 204 14.75 -0.79 20.27
N ILE A 205 14.25 -1.16 19.10
CA ILE A 205 14.60 -0.47 17.87
C ILE A 205 14.08 0.97 17.91
N MET A 206 12.91 1.15 18.51
CA MET A 206 12.35 2.49 18.64
C MET A 206 13.22 3.35 19.57
N ALA A 207 13.77 2.72 20.60
CA ALA A 207 14.69 3.43 21.50
C ALA A 207 15.95 3.87 20.74
N ILE A 208 16.41 3.03 19.82
CA ILE A 208 17.54 3.40 18.97
C ILE A 208 17.16 4.58 18.08
N GLU A 209 15.92 4.59 17.57
CA GLU A 209 15.41 5.75 16.86
C GLU A 209 15.61 7.01 17.67
N MET A 210 15.19 6.95 18.93
CA MET A 210 15.19 8.10 19.82
C MET A 210 16.62 8.59 20.09
N ILE A 211 17.57 7.67 20.08
CA ILE A 211 18.99 7.98 20.23
C ILE A 211 19.60 8.55 18.94
N GLU A 212 19.50 7.78 17.86
CA GLU A 212 20.27 8.02 16.64
C GLU A 212 19.50 8.67 15.49
N GLY A 213 18.17 8.74 15.61
CA GLY A 213 17.37 9.43 14.62
C GLY A 213 16.60 8.48 13.72
N GLU A 214 17.07 7.24 13.66
CA GLU A 214 16.43 6.26 12.79
C GLU A 214 16.80 4.85 13.23
N PRO A 215 16.04 3.85 12.77
CA PRO A 215 16.38 2.46 13.13
C PRO A 215 17.65 2.02 12.42
N PRO A 216 18.26 0.92 12.86
CA PRO A 216 19.43 0.40 12.15
C PRO A 216 19.09 -0.02 10.72
N TYR A 217 20.00 0.24 9.78
CA TYR A 217 19.90 -0.20 8.38
C TYR A 217 18.91 0.59 7.55
N LEU A 218 18.45 1.74 8.04
CA LEU A 218 17.43 2.49 7.30
C LEU A 218 17.94 2.97 5.94
N ASN A 219 19.26 3.06 5.79
CA ASN A 219 19.82 3.47 4.51
C ASN A 219 19.86 2.30 3.53
N GLU A 220 19.67 1.09 4.05
CA GLU A 220 19.54 -0.12 3.21
C GLU A 220 18.11 -0.33 2.72
N ASN A 221 17.95 -1.14 1.66
CA ASN A 221 16.62 -1.49 1.18
C ASN A 221 15.96 -2.46 2.15
N PRO A 222 14.61 -2.49 2.16
CA PRO A 222 13.84 -3.38 3.04
C PRO A 222 14.32 -4.84 3.04
N LEU A 223 14.65 -5.40 1.89
CA LEU A 223 15.12 -6.79 1.83
C LEU A 223 16.50 -6.95 2.42
N ARG A 224 17.40 -6.04 2.05
CA ARG A 224 18.75 -6.05 2.57
C ARG A 224 18.72 -5.91 4.08
N ALA A 225 17.84 -5.03 4.57
CA ALA A 225 17.66 -4.85 6.01
C ALA A 225 17.18 -6.14 6.62
N LEU A 226 16.19 -6.74 5.98
CA LEU A 226 15.61 -8.01 6.40
C LEU A 226 16.68 -9.09 6.50
N TYR A 227 17.57 -9.11 5.52
CA TYR A 227 18.68 -10.05 5.48
C TYR A 227 19.68 -9.77 6.59
N LEU A 228 20.00 -8.49 6.80
CA LEU A 228 20.95 -8.09 7.83
C LEU A 228 20.48 -8.42 9.23
N ILE A 229 19.20 -8.18 9.51
CA ILE A 229 18.65 -8.52 10.81
C ILE A 229 18.72 -10.03 11.04
N ALA A 230 18.47 -10.78 9.98
CA ALA A 230 18.43 -12.24 10.05
C ALA A 230 19.80 -12.84 10.33
N THR A 231 20.86 -12.12 9.98
CA THR A 231 22.22 -12.66 10.14
C THR A 231 23.01 -11.97 11.27
N ASN A 232 22.76 -10.68 11.49
CA ASN A 232 23.51 -9.91 12.48
C ASN A 232 23.03 -10.09 13.92
N GLY A 233 21.72 -10.26 14.07
CA GLY A 233 21.15 -10.34 15.41
C GLY A 233 21.03 -8.97 16.07
N THR A 234 21.70 -8.80 17.21
CA THR A 234 21.61 -7.55 17.97
C THR A 234 22.36 -6.41 17.28
N PRO A 235 21.62 -5.33 16.96
CA PRO A 235 22.19 -4.19 16.23
C PRO A 235 23.22 -3.41 17.05
N GLU A 236 24.03 -2.60 16.39
CA GLU A 236 25.08 -1.86 17.08
C GLU A 236 24.76 -0.38 17.21
N LEU A 237 25.12 0.19 18.36
CA LEU A 237 25.04 1.64 18.56
C LEU A 237 26.26 2.28 17.92
N GLN A 238 26.06 3.38 17.20
CA GLN A 238 27.18 4.07 16.58
C GLN A 238 28.14 4.60 17.63
N ASN A 239 27.59 5.24 18.66
CA ASN A 239 28.37 5.78 19.75
C ASN A 239 27.83 5.34 21.11
N PRO A 240 28.05 4.06 21.47
CA PRO A 240 27.52 3.50 22.72
C PRO A 240 28.05 4.20 23.96
N GLU A 241 29.09 5.02 23.78
CA GLU A 241 29.74 5.71 24.89
C GLU A 241 28.94 6.91 25.37
N LYS A 242 28.06 7.42 24.51
CA LYS A 242 27.23 8.57 24.84
C LYS A 242 26.13 8.20 25.83
N LEU A 243 25.83 6.91 25.94
CA LEU A 243 24.74 6.45 26.78
C LEU A 243 25.24 6.00 28.15
N SER A 244 24.39 6.13 29.16
CA SER A 244 24.72 5.64 30.49
C SER A 244 24.73 4.12 30.51
N ALA A 245 25.30 3.53 31.56
CA ALA A 245 25.41 2.07 31.65
C ALA A 245 24.04 1.43 31.90
N ILE A 246 23.13 2.18 32.51
CA ILE A 246 21.83 1.63 32.86
C ILE A 246 20.89 1.69 31.65
N PHE A 247 21.07 2.70 30.80
CA PHE A 247 20.34 2.79 29.54
C PHE A 247 20.79 1.66 28.61
N ARG A 248 22.10 1.45 28.53
CA ARG A 248 22.63 0.38 27.70
C ARG A 248 22.13 -0.98 28.19
N ASP A 249 21.98 -1.13 29.50
CA ASP A 249 21.47 -2.38 30.04
C ASP A 249 20.03 -2.60 29.57
N PHE A 250 19.24 -1.53 29.65
CA PHE A 250 17.84 -1.56 29.23
C PHE A 250 17.74 -1.97 27.77
N LEU A 251 18.58 -1.35 26.94
CA LEU A 251 18.62 -1.64 25.52
C LEU A 251 18.90 -3.11 25.23
N ASN A 252 19.89 -3.66 25.93
CA ASN A 252 20.36 -5.02 25.65
C ASN A 252 19.36 -6.10 26.06
N ARG A 253 18.40 -5.74 26.91
CA ARG A 253 17.37 -6.68 27.34
C ARG A 253 16.14 -6.57 26.46
N CYS A 254 16.03 -5.47 25.72
CA CYS A 254 15.01 -5.35 24.69
C CYS A 254 15.47 -6.07 23.43
N LEU A 255 16.76 -5.98 23.15
CA LEU A 255 17.31 -6.47 21.91
C LEU A 255 18.11 -7.76 22.07
N GLU A 256 17.72 -8.58 23.03
CA GLU A 256 18.35 -9.89 23.20
C GLU A 256 17.84 -10.89 22.14
N MET A 257 18.76 -11.62 21.54
CA MET A 257 18.42 -12.66 20.57
C MET A 257 17.68 -13.82 21.23
N ASP A 258 18.17 -14.23 22.40
CA ASP A 258 17.53 -15.29 23.15
C ASP A 258 16.21 -14.79 23.70
N VAL A 259 15.11 -15.24 23.09
CA VAL A 259 13.76 -14.80 23.47
C VAL A 259 13.51 -15.07 24.95
N GLU A 260 14.02 -16.19 25.45
CA GLU A 260 13.91 -16.53 26.87
C GLU A 260 14.61 -15.51 27.75
N LYS A 261 15.70 -14.95 27.25
CA LYS A 261 16.51 -14.00 28.02
C LYS A 261 16.03 -12.55 27.81
N ARG A 262 15.33 -12.31 26.70
CA ARG A 262 14.77 -11.00 26.42
C ARG A 262 13.73 -10.62 27.47
N GLY A 263 13.64 -9.34 27.81
CA GLY A 263 12.72 -8.88 28.84
C GLY A 263 11.28 -8.77 28.37
N SER A 264 10.35 -9.15 29.23
CA SER A 264 8.93 -8.92 28.96
C SER A 264 8.58 -7.50 29.38
N ALA A 265 7.40 -7.03 28.97
CA ALA A 265 6.98 -5.67 29.28
C ALA A 265 6.88 -5.48 30.80
N LYS A 266 6.38 -6.50 31.47
CA LYS A 266 6.20 -6.46 32.92
C LYS A 266 7.53 -6.26 33.66
N GLU A 267 8.54 -7.06 33.31
CA GLU A 267 9.81 -6.99 34.01
C GLU A 267 10.66 -5.80 33.53
N LEU A 268 10.42 -5.34 32.31
CA LEU A 268 11.14 -4.16 31.82
C LEU A 268 10.60 -2.88 32.47
N LEU A 269 9.33 -2.91 32.86
CA LEU A 269 8.73 -1.78 33.56
C LEU A 269 9.38 -1.53 34.92
N GLN A 270 10.14 -2.51 35.39
CA GLN A 270 10.80 -2.43 36.68
C GLN A 270 12.29 -2.17 36.54
N HIS A 271 12.73 -1.88 35.32
CA HIS A 271 14.15 -1.66 35.06
C HIS A 271 14.63 -0.35 35.69
N GLN A 272 15.88 -0.32 36.12
CA GLN A 272 16.42 0.87 36.78
C GLN A 272 16.49 2.07 35.85
N PHE A 273 16.37 1.83 34.55
CA PHE A 273 16.44 2.92 33.57
C PHE A 273 15.22 3.81 33.64
N LEU A 274 14.06 3.23 33.90
CA LEU A 274 12.82 4.00 33.89
C LEU A 274 12.69 4.88 35.13
N LYS A 275 13.62 4.73 36.07
CA LYS A 275 13.60 5.50 37.32
C LYS A 275 14.04 6.94 37.10
N ILE A 276 14.85 7.15 36.06
CA ILE A 276 15.32 8.51 35.73
C ILE A 276 14.40 9.17 34.72
N ALA A 277 13.20 8.61 34.54
CA ALA A 277 12.24 9.18 33.61
C ALA A 277 11.78 10.56 34.09
N LYS A 278 11.71 11.49 33.14
CA LYS A 278 11.19 12.82 33.41
C LYS A 278 9.66 12.84 33.34
N PRO A 279 9.05 13.89 33.90
CA PRO A 279 7.60 14.05 33.72
C PRO A 279 7.26 14.22 32.24
N LEU A 280 6.06 13.83 31.83
CA LEU A 280 5.68 13.88 30.42
C LEU A 280 5.67 15.30 29.88
N SER A 281 5.55 16.28 30.76
CA SER A 281 5.60 17.69 30.37
C SER A 281 6.96 18.07 29.74
N SER A 282 8.01 17.33 30.11
CA SER A 282 9.33 17.53 29.52
C SER A 282 9.35 17.22 28.03
N LEU A 283 8.28 16.60 27.52
CA LEU A 283 8.20 16.24 26.10
C LEU A 283 7.65 17.39 25.27
N THR A 284 6.95 18.32 25.92
CA THR A 284 6.31 19.41 25.17
C THR A 284 7.32 20.33 24.48
N PRO A 285 8.52 20.53 25.06
CA PRO A 285 9.49 21.28 24.24
C PRO A 285 9.97 20.53 23.00
N LEU A 286 9.96 19.20 23.03
CA LEU A 286 10.33 18.40 21.86
C LEU A 286 9.27 18.53 20.77
N ILE A 287 8.01 18.58 21.19
CA ILE A 287 6.89 18.69 20.27
C ILE A 287 6.93 20.04 19.55
N ALA A 288 7.13 21.10 20.32
CA ALA A 288 7.24 22.44 19.75
C ALA A 288 8.40 22.54 18.77
N ALA A 289 9.48 21.84 19.08
CA ALA A 289 10.66 21.85 18.22
C ALA A 289 10.39 21.10 16.92
N ALA A 290 9.78 19.92 17.05
CA ALA A 290 9.42 19.11 15.90
C ALA A 290 8.52 19.89 14.93
N LYS A 291 7.52 20.56 15.49
CA LYS A 291 6.60 21.35 14.68
C LYS A 291 7.29 22.50 13.97
N GLU A 292 8.30 23.07 14.62
CA GLU A 292 9.05 24.16 14.03
C GLU A 292 9.92 23.65 12.89
N ALA A 293 10.54 22.49 13.11
CA ALA A 293 11.36 21.85 12.09
C ALA A 293 10.53 21.33 10.94
N THR A 294 9.25 21.02 11.23
CA THR A 294 8.32 20.42 10.28
C THR A 294 7.76 21.41 9.26
N LYS A 295 7.46 22.61 9.73
CA LYS A 295 6.80 23.64 8.92
C LYS A 295 7.48 23.88 7.58
N GLU B 8 -5.20 28.65 -17.52
CA GLU B 8 -5.00 29.37 -18.77
C GLU B 8 -4.26 28.52 -19.79
N LYS B 9 -3.33 27.71 -19.31
CA LYS B 9 -2.65 26.73 -20.15
C LYS B 9 -3.66 25.65 -20.54
N LEU B 10 -4.67 25.47 -19.69
CA LEU B 10 -5.76 24.53 -19.94
C LEU B 10 -6.65 24.96 -21.10
N ARG B 11 -7.01 26.23 -21.13
CA ARG B 11 -7.94 26.77 -22.12
C ARG B 11 -7.50 26.49 -23.55
N SER B 12 -6.20 26.32 -23.76
CA SER B 12 -5.68 26.00 -25.08
C SER B 12 -6.08 24.60 -25.52
N ILE B 13 -6.07 23.65 -24.58
CA ILE B 13 -6.32 22.25 -24.90
C ILE B 13 -7.80 21.91 -24.97
N VAL B 14 -8.52 22.12 -23.86
CA VAL B 14 -9.91 21.71 -23.73
C VAL B 14 -10.80 22.35 -24.79
N SER B 15 -11.79 21.61 -25.25
CA SER B 15 -12.71 22.11 -26.26
C SER B 15 -13.70 23.10 -25.65
N VAL B 16 -14.33 23.90 -26.50
CA VAL B 16 -15.43 24.75 -26.07
C VAL B 16 -16.73 23.98 -26.19
N GLY B 17 -17.76 24.44 -25.49
CA GLY B 17 -19.04 23.76 -25.50
C GLY B 17 -19.33 23.10 -24.16
N ASP B 18 -20.60 22.91 -23.87
CA ASP B 18 -21.01 22.33 -22.60
C ASP B 18 -21.12 20.82 -22.73
N PRO B 19 -20.26 20.09 -22.01
CA PRO B 19 -20.29 18.63 -22.02
C PRO B 19 -21.60 18.08 -21.47
N LYS B 20 -22.28 18.88 -20.67
CA LYS B 20 -23.60 18.51 -20.14
C LYS B 20 -24.63 18.40 -21.26
N LYS B 21 -24.40 19.12 -22.35
CA LYS B 21 -25.29 19.08 -23.52
C LYS B 21 -24.91 18.01 -24.54
N LYS B 22 -23.63 17.63 -24.56
CA LYS B 22 -23.12 16.72 -25.57
C LYS B 22 -23.28 15.26 -25.13
N TYR B 23 -23.27 15.04 -23.82
CA TYR B 23 -23.35 13.70 -23.27
C TYR B 23 -24.57 13.50 -22.37
N THR B 24 -25.09 12.27 -22.34
CA THR B 24 -26.22 11.91 -21.47
C THR B 24 -25.97 10.56 -20.79
N ARG B 25 -26.85 10.20 -19.87
CA ARG B 25 -26.82 8.92 -19.17
C ARG B 25 -25.52 8.65 -18.42
N PHE B 26 -25.18 9.55 -17.51
CA PHE B 26 -23.97 9.40 -16.70
C PHE B 26 -24.11 8.30 -15.66
N GLU B 27 -23.10 7.43 -15.56
CA GLU B 27 -23.09 6.34 -14.59
C GLU B 27 -21.71 6.22 -13.94
N LYS B 28 -21.66 6.31 -12.61
CA LYS B 28 -20.40 6.32 -11.87
C LYS B 28 -19.66 4.98 -11.89
N ILE B 29 -18.33 5.06 -11.85
CA ILE B 29 -17.48 3.89 -11.62
C ILE B 29 -16.43 4.18 -10.55
N GLY B 30 -15.44 5.00 -10.88
CA GLY B 30 -14.40 5.38 -9.95
C GLY B 30 -14.90 6.40 -8.94
N GLN B 31 -14.31 6.53 -7.74
CA GLN B 31 -13.19 5.74 -7.17
C GLN B 31 -11.89 5.79 -7.98
N GLY B 32 -11.11 6.83 -7.74
CA GLY B 32 -9.79 6.95 -8.34
C GLY B 32 -8.85 7.74 -7.46
N ALA B 33 -9.43 8.43 -6.46
CA ALA B 33 -8.72 9.32 -5.54
C ALA B 33 -8.13 10.53 -6.26
N SER B 34 -7.99 10.44 -7.57
CA SER B 34 -7.55 11.55 -8.41
C SER B 34 -8.73 12.14 -9.15
N GLY B 35 -9.91 11.56 -8.93
CA GLY B 35 -11.12 11.99 -9.60
C GLY B 35 -12.13 10.87 -9.77
N THR B 36 -13.30 11.22 -10.28
CA THR B 36 -14.39 10.26 -10.44
C THR B 36 -14.61 9.95 -11.93
N VAL B 37 -14.80 8.68 -12.25
CA VAL B 37 -14.97 8.26 -13.64
C VAL B 37 -16.40 7.78 -13.92
N TYR B 38 -17.06 8.46 -14.84
CA TYR B 38 -18.38 8.04 -15.30
C TYR B 38 -18.31 7.45 -16.69
N THR B 39 -19.37 6.73 -17.07
CA THR B 39 -19.59 6.41 -18.46
C THR B 39 -20.77 7.27 -18.93
N ALA B 40 -20.86 7.50 -20.23
CA ALA B 40 -21.84 8.43 -20.78
C ALA B 40 -21.97 8.21 -22.28
N MET B 41 -22.96 8.85 -22.90
CA MET B 41 -23.18 8.64 -24.33
C MET B 41 -23.18 9.93 -25.12
N ASP B 42 -22.52 9.91 -26.28
CA ASP B 42 -22.56 11.05 -27.17
C ASP B 42 -23.97 11.19 -27.72
N VAL B 43 -24.58 12.35 -27.48
CA VAL B 43 -25.99 12.58 -27.83
C VAL B 43 -26.24 12.52 -29.33
N ALA B 44 -25.25 12.91 -30.12
CA ALA B 44 -25.43 12.98 -31.57
C ALA B 44 -25.07 11.68 -32.31
N THR B 45 -24.12 10.93 -31.75
CA THR B 45 -23.58 9.76 -32.45
C THR B 45 -23.91 8.44 -31.77
N GLY B 46 -24.30 8.50 -30.50
CA GLY B 46 -24.60 7.30 -29.75
C GLY B 46 -23.37 6.57 -29.23
N GLN B 47 -22.20 7.16 -29.43
CA GLN B 47 -20.97 6.56 -28.91
C GLN B 47 -20.93 6.62 -27.38
N GLU B 48 -20.64 5.48 -26.75
CA GLU B 48 -20.46 5.45 -25.32
C GLU B 48 -19.01 5.76 -24.98
N VAL B 49 -18.81 6.67 -24.02
CA VAL B 49 -17.48 7.13 -23.66
C VAL B 49 -17.22 7.10 -22.16
N ALA B 50 -15.95 7.18 -21.79
CA ALA B 50 -15.54 7.33 -20.40
C ALA B 50 -15.16 8.78 -20.12
N ILE B 51 -15.72 9.35 -19.06
CA ILE B 51 -15.43 10.73 -18.70
C ILE B 51 -14.89 10.81 -17.29
N LYS B 52 -13.65 11.28 -17.17
CA LYS B 52 -13.04 11.45 -15.85
C LYS B 52 -13.15 12.91 -15.41
N GLN B 53 -13.74 13.13 -14.24
CA GLN B 53 -13.95 14.49 -13.73
C GLN B 53 -12.98 14.81 -12.59
N MET B 54 -12.15 15.81 -12.80
CA MET B 54 -11.14 16.22 -11.82
C MET B 54 -11.34 17.66 -11.38
N ASN B 55 -11.37 17.87 -10.06
CA ASN B 55 -11.47 19.22 -9.52
C ASN B 55 -10.09 19.83 -9.30
N LEU B 56 -9.85 20.97 -9.93
CA LEU B 56 -8.61 21.71 -9.72
C LEU B 56 -8.64 22.44 -8.38
N GLN B 57 -7.85 23.51 -8.28
CA GLN B 57 -7.77 24.33 -7.06
C GLN B 57 -7.41 23.49 -5.85
N GLN B 59 -5.32 19.70 -5.61
CA GLN B 59 -3.98 19.18 -5.38
C GLN B 59 -2.93 19.98 -6.17
N PRO B 60 -1.69 20.03 -5.66
CA PRO B 60 -0.62 20.68 -6.41
C PRO B 60 -0.22 19.87 -7.64
N LYS B 61 0.90 20.23 -8.25
CA LYS B 61 1.33 19.63 -9.51
C LYS B 61 0.20 19.72 -10.53
N LYS B 62 -0.50 20.84 -10.52
CA LYS B 62 -1.55 21.11 -11.50
C LYS B 62 -0.94 21.15 -12.89
N GLU B 63 0.29 21.64 -12.97
CA GLU B 63 1.02 21.71 -14.22
C GLU B 63 1.28 20.31 -14.77
N LEU B 64 1.51 19.36 -13.86
CA LEU B 64 1.73 17.98 -14.24
C LEU B 64 0.48 17.43 -14.93
N ILE B 65 -0.68 17.70 -14.34
CA ILE B 65 -1.95 17.23 -14.87
C ILE B 65 -2.17 17.71 -16.30
N ILE B 66 -1.89 18.99 -16.54
CA ILE B 66 -1.99 19.57 -17.88
C ILE B 66 -1.07 18.83 -18.85
N ASN B 67 0.15 18.58 -18.41
CA ASN B 67 1.12 17.89 -19.24
C ASN B 67 0.68 16.46 -19.57
N GLU B 68 0.05 15.81 -18.61
CA GLU B 68 -0.48 14.45 -18.82
C GLU B 68 -1.43 14.45 -20.02
N ILE B 69 -2.38 15.36 -19.98
CA ILE B 69 -3.37 15.49 -21.03
C ILE B 69 -2.72 15.85 -22.35
N LEU B 70 -1.72 16.73 -22.27
CA LEU B 70 -0.97 17.12 -23.43
C LEU B 70 -0.33 15.92 -24.10
N VAL B 71 0.35 15.10 -23.31
CA VAL B 71 1.01 13.93 -23.86
C VAL B 71 -0.01 12.89 -24.33
N MET B 72 -1.11 12.77 -23.59
CA MET B 72 -2.16 11.83 -23.95
C MET B 72 -2.74 12.13 -25.32
N ARG B 73 -3.02 13.40 -25.59
CA ARG B 73 -3.67 13.76 -26.84
C ARG B 73 -2.74 13.55 -28.03
N GLU B 74 -1.45 13.73 -27.80
CA GLU B 74 -0.48 13.67 -28.89
C GLU B 74 0.05 12.25 -29.11
N ASN B 75 -0.13 11.38 -28.12
CA ASN B 75 0.37 10.01 -28.24
C ASN B 75 -0.74 8.96 -28.15
N LYS B 76 -1.38 8.71 -29.28
CA LYS B 76 -2.49 7.77 -29.33
C LYS B 76 -2.03 6.43 -29.89
N ASN B 77 -2.67 5.36 -29.45
CA ASN B 77 -2.31 4.02 -29.90
C ASN B 77 -3.46 3.05 -29.69
N PRO B 78 -3.74 2.21 -30.71
CA PRO B 78 -4.87 1.29 -30.71
C PRO B 78 -4.96 0.44 -29.43
N ASN B 79 -3.82 0.16 -28.80
CA ASN B 79 -3.80 -0.74 -27.65
C ASN B 79 -3.71 -0.03 -26.30
N ILE B 80 -4.01 1.27 -26.27
CA ILE B 80 -4.19 1.96 -25.01
C ILE B 80 -5.52 2.69 -25.00
N VAL B 81 -6.10 2.88 -23.81
CA VAL B 81 -7.28 3.71 -23.70
C VAL B 81 -6.91 5.14 -24.07
N ASN B 82 -7.45 5.61 -25.19
CA ASN B 82 -7.02 6.90 -25.74
C ASN B 82 -7.83 8.09 -25.27
N TYR B 83 -7.20 9.25 -25.33
CA TYR B 83 -7.84 10.53 -25.11
C TYR B 83 -8.78 10.85 -26.26
N LEU B 84 -10.00 11.26 -25.93
CA LEU B 84 -10.95 11.66 -26.97
C LEU B 84 -11.11 13.18 -27.02
N ASP B 85 -11.29 13.78 -25.85
CA ASP B 85 -11.53 15.21 -25.74
C ASP B 85 -11.37 15.65 -24.28
N SER B 86 -11.53 16.94 -24.02
CA SER B 86 -11.51 17.44 -22.66
C SER B 86 -12.32 18.74 -22.52
N TYR B 87 -12.77 19.01 -21.30
CA TYR B 87 -13.60 20.17 -21.03
C TYR B 87 -13.29 20.77 -19.67
N LEU B 88 -13.41 22.08 -19.56
CA LEU B 88 -13.34 22.75 -18.28
C LEU B 88 -14.75 23.11 -17.83
N VAL B 89 -15.20 22.47 -16.75
CA VAL B 89 -16.56 22.67 -16.27
C VAL B 89 -16.57 23.24 -14.85
N GLY B 90 -16.40 24.56 -14.76
CA GLY B 90 -16.44 25.27 -13.49
C GLY B 90 -15.51 24.71 -12.42
N ASP B 91 -14.23 25.10 -12.49
CA ASP B 91 -13.19 24.63 -11.57
C ASP B 91 -12.92 23.12 -11.69
N GLU B 92 -13.75 22.42 -12.45
CA GLU B 92 -13.56 21.00 -12.69
C GLU B 92 -13.09 20.75 -14.11
N LEU B 93 -12.18 19.79 -14.24
CA LEU B 93 -11.69 19.39 -15.55
C LEU B 93 -12.28 18.03 -15.93
N TRP B 94 -12.92 17.98 -17.10
CA TRP B 94 -13.45 16.73 -17.61
C TRP B 94 -12.58 16.19 -18.74
N VAL B 95 -12.21 14.93 -18.65
CA VAL B 95 -11.43 14.30 -19.70
C VAL B 95 -12.19 13.10 -20.25
N VAL B 96 -12.38 13.11 -21.56
CA VAL B 96 -13.17 12.08 -22.23
C VAL B 96 -12.23 11.03 -22.83
N MET B 97 -12.41 9.78 -22.45
CA MET B 97 -11.58 8.68 -22.95
C MET B 97 -12.46 7.64 -23.60
N GLU B 98 -11.87 6.78 -24.43
CA GLU B 98 -12.66 5.75 -25.08
C GLU B 98 -13.08 4.70 -24.03
N TYR B 99 -14.28 4.17 -24.21
CA TYR B 99 -14.87 3.26 -23.24
C TYR B 99 -14.88 1.84 -23.79
N LEU B 100 -14.42 0.89 -22.97
CA LEU B 100 -14.47 -0.53 -23.32
C LEU B 100 -15.46 -1.22 -22.40
N ALA B 101 -16.50 -1.81 -22.98
CA ALA B 101 -17.59 -2.36 -22.20
C ALA B 101 -17.35 -3.80 -21.76
N GLY B 102 -16.36 -4.46 -22.36
CA GLY B 102 -16.04 -5.83 -22.00
C GLY B 102 -15.55 -6.01 -20.57
N GLY B 103 -15.02 -4.94 -19.98
CA GLY B 103 -14.54 -5.01 -18.61
C GLY B 103 -13.06 -5.37 -18.55
N SER B 104 -12.61 -5.75 -17.35
CA SER B 104 -11.19 -6.03 -17.14
C SER B 104 -10.83 -7.47 -17.44
N LEU B 105 -9.53 -7.71 -17.64
CA LEU B 105 -9.02 -9.05 -17.82
C LEU B 105 -9.23 -9.90 -16.55
N THR B 106 -9.18 -9.24 -15.39
CA THR B 106 -9.35 -9.94 -14.11
C THR B 106 -10.65 -10.76 -14.06
N ASP B 107 -11.75 -10.19 -14.54
CA ASP B 107 -13.02 -10.90 -14.53
C ASP B 107 -12.99 -12.13 -15.44
N VAL B 108 -12.38 -11.96 -16.61
CA VAL B 108 -12.24 -13.06 -17.54
C VAL B 108 -11.37 -14.17 -16.94
N VAL B 109 -10.26 -13.77 -16.32
CA VAL B 109 -9.34 -14.74 -15.75
C VAL B 109 -9.98 -15.57 -14.64
N THR B 110 -10.70 -14.91 -13.73
CA THR B 110 -11.22 -15.61 -12.57
C THR B 110 -12.47 -16.46 -12.86
N GLU B 111 -13.18 -16.14 -13.95
CA GLU B 111 -14.48 -16.75 -14.20
C GLU B 111 -14.52 -17.70 -15.39
N THR B 112 -13.39 -17.84 -16.08
CA THR B 112 -13.26 -18.78 -17.20
C THR B 112 -11.88 -19.43 -17.16
N CYS B 113 -11.65 -20.43 -18.01
CA CYS B 113 -10.30 -20.91 -18.23
C CYS B 113 -9.88 -20.61 -19.66
N MET B 114 -8.90 -19.71 -19.79
CA MET B 114 -8.40 -19.30 -21.11
C MET B 114 -7.51 -20.39 -21.72
N ASP B 115 -7.59 -20.58 -23.02
CA ASP B 115 -6.65 -21.48 -23.68
C ASP B 115 -5.42 -20.70 -24.16
N GLU B 116 -4.38 -21.41 -24.60
CA GLU B 116 -3.13 -20.78 -24.99
C GLU B 116 -3.28 -19.85 -26.19
N GLY B 117 -4.18 -20.20 -27.09
CA GLY B 117 -4.48 -19.34 -28.23
C GLY B 117 -5.02 -17.99 -27.80
N GLN B 118 -5.91 -18.00 -26.82
CA GLN B 118 -6.49 -16.74 -26.32
C GLN B 118 -5.47 -15.94 -25.54
N ILE B 119 -4.64 -16.63 -24.75
CA ILE B 119 -3.64 -15.96 -23.95
C ILE B 119 -2.59 -15.31 -24.86
N ALA B 120 -2.23 -16.03 -25.91
CA ALA B 120 -1.28 -15.51 -26.88
C ALA B 120 -1.82 -14.23 -27.54
N ALA B 121 -3.13 -14.21 -27.81
CA ALA B 121 -3.76 -13.04 -28.41
C ALA B 121 -3.67 -11.83 -27.49
N VAL B 122 -4.00 -12.04 -26.21
CA VAL B 122 -3.90 -10.97 -25.21
C VAL B 122 -2.46 -10.53 -25.03
N CYS B 123 -1.54 -11.50 -24.96
CA CYS B 123 -0.13 -11.19 -24.80
C CYS B 123 0.40 -10.37 -25.97
N ARG B 124 0.00 -10.71 -27.19
CA ARG B 124 0.45 -9.93 -28.34
C ARG B 124 -0.05 -8.48 -28.28
N GLU B 125 -1.33 -8.29 -27.97
CA GLU B 125 -1.91 -6.94 -27.91
C GLU B 125 -1.26 -6.07 -26.82
N CYS B 126 -0.99 -6.66 -25.66
CA CYS B 126 -0.28 -5.94 -24.60
C CYS B 126 1.14 -5.57 -25.02
N LEU B 127 1.79 -6.48 -25.73
CA LEU B 127 3.17 -6.24 -26.17
C LEU B 127 3.23 -5.10 -27.19
N GLN B 128 2.19 -4.99 -27.99
CA GLN B 128 2.12 -3.89 -28.95
C GLN B 128 1.98 -2.57 -28.21
N ALA B 129 1.14 -2.55 -27.17
CA ALA B 129 1.01 -1.37 -26.32
C ALA B 129 2.36 -1.01 -25.68
N LEU B 130 3.08 -2.01 -25.18
CA LEU B 130 4.33 -1.76 -24.47
C LEU B 130 5.42 -1.27 -25.39
N GLU B 131 5.46 -1.79 -26.61
CA GLU B 131 6.44 -1.34 -27.59
C GLU B 131 6.24 0.13 -27.87
N PHE B 132 4.98 0.50 -28.09
CA PHE B 132 4.60 1.87 -28.32
C PHE B 132 5.04 2.76 -27.15
N LEU B 133 4.78 2.31 -25.93
CA LEU B 133 5.07 3.12 -24.76
C LEU B 133 6.56 3.22 -24.51
N HIS B 134 7.26 2.10 -24.62
CA HIS B 134 8.69 2.07 -24.32
C HIS B 134 9.49 2.92 -25.30
N SER B 135 9.06 2.95 -26.56
CA SER B 135 9.71 3.80 -27.54
C SER B 135 9.47 5.28 -27.22
N ASN B 136 8.39 5.56 -26.52
CA ASN B 136 8.06 6.92 -26.11
C ASN B 136 8.53 7.24 -24.69
N GLN B 137 9.55 6.52 -24.23
CA GLN B 137 10.18 6.79 -22.93
C GLN B 137 9.22 6.67 -21.74
N VAL B 138 8.23 5.80 -21.85
CA VAL B 138 7.25 5.64 -20.78
C VAL B 138 7.31 4.25 -20.17
N ILE B 139 7.31 4.18 -18.85
CA ILE B 139 7.22 2.90 -18.14
C ILE B 139 5.89 2.80 -17.41
N HIS B 140 5.10 1.78 -17.74
CA HIS B 140 3.76 1.63 -17.17
C HIS B 140 3.82 1.39 -15.65
N ARG B 141 4.64 0.42 -15.25
CA ARG B 141 4.89 0.06 -13.83
C ARG B 141 3.75 -0.76 -13.19
N ASN B 142 2.60 -0.81 -13.84
CA ASN B 142 1.48 -1.50 -13.24
C ASN B 142 0.75 -2.38 -14.24
N ILE B 143 1.52 -3.21 -14.94
CA ILE B 143 0.93 -4.19 -15.84
C ILE B 143 0.33 -5.33 -15.03
N LYS B 144 -1.00 -5.33 -14.94
CA LYS B 144 -1.70 -6.41 -14.27
C LYS B 144 -3.15 -6.48 -14.78
N SER B 145 -3.82 -7.59 -14.48
CA SER B 145 -5.06 -7.93 -15.18
C SER B 145 -6.18 -6.89 -15.01
N ASP B 146 -6.23 -6.21 -13.87
CA ASP B 146 -7.29 -5.21 -13.66
C ASP B 146 -7.01 -3.91 -14.44
N ASN B 147 -5.82 -3.80 -15.02
CA ASN B 147 -5.46 -2.63 -15.81
C ASN B 147 -5.52 -2.93 -17.31
N ILE B 148 -6.02 -4.11 -17.64
CA ILE B 148 -6.27 -4.47 -19.02
C ILE B 148 -7.76 -4.39 -19.26
N LEU B 149 -8.17 -3.66 -20.28
CA LEU B 149 -9.58 -3.56 -20.62
C LEU B 149 -9.87 -4.28 -21.94
N LEU B 150 -11.09 -4.81 -22.05
CA LEU B 150 -11.51 -5.56 -23.23
C LEU B 150 -12.70 -4.91 -23.90
N GLY B 151 -12.66 -4.77 -25.22
CA GLY B 151 -13.82 -4.29 -25.94
C GLY B 151 -14.81 -5.42 -26.15
N MET B 152 -16.05 -5.08 -26.49
CA MET B 152 -17.05 -6.10 -26.78
C MET B 152 -16.71 -6.83 -28.08
N ASP B 153 -15.83 -6.26 -28.89
CA ASP B 153 -15.37 -6.93 -30.10
C ASP B 153 -14.07 -7.70 -29.84
N GLY B 154 -13.71 -7.84 -28.57
CA GLY B 154 -12.51 -8.57 -28.21
C GLY B 154 -11.25 -7.73 -28.20
N SER B 155 -11.35 -6.46 -28.56
CA SER B 155 -10.18 -5.59 -28.57
C SER B 155 -9.58 -5.48 -27.16
N VAL B 156 -8.29 -5.19 -27.10
CA VAL B 156 -7.54 -5.18 -25.85
C VAL B 156 -6.74 -3.90 -25.67
N LYS B 157 -6.98 -3.19 -24.57
CA LYS B 157 -6.30 -1.91 -24.29
C LYS B 157 -5.76 -1.80 -22.86
N LEU B 158 -4.59 -1.19 -22.74
CA LEU B 158 -3.96 -0.84 -21.46
C LEU B 158 -4.55 0.42 -20.87
N THR B 159 -4.64 0.48 -19.54
CA THR B 159 -5.03 1.72 -18.85
C THR B 159 -4.30 1.91 -17.52
N ASP B 160 -4.73 2.94 -16.77
CA ASP B 160 -4.14 3.32 -15.48
C ASP B 160 -2.63 3.50 -15.53
N PHE B 161 -2.16 4.40 -16.38
CA PHE B 161 -0.75 4.75 -16.41
C PHE B 161 -0.55 6.21 -16.77
N GLY B 162 0.56 6.78 -16.32
CA GLY B 162 0.91 8.15 -16.65
C GLY B 162 2.06 8.24 -17.64
N PHE B 163 1.97 9.21 -18.54
CA PHE B 163 3.02 9.46 -19.52
C PHE B 163 4.17 10.27 -18.92
N CYS B 164 3.86 11.42 -18.32
CA CYS B 164 4.87 12.31 -17.73
C CYS B 164 5.44 11.78 -16.42
N ALA B 165 4.56 11.34 -15.53
CA ALA B 165 4.97 10.82 -14.23
C ALA B 165 4.12 9.63 -13.79
N GLN B 166 4.64 8.85 -12.83
CA GLN B 166 3.96 7.65 -12.34
C GLN B 166 2.74 7.99 -11.49
N ILE B 167 1.64 7.27 -11.72
CA ILE B 167 0.42 7.45 -10.92
C ILE B 167 0.50 6.62 -9.65
N THR B 168 1.49 5.74 -9.58
CA THR B 168 1.73 4.93 -8.38
C THR B 168 2.82 5.59 -7.53
N PRO B 169 2.43 6.14 -6.37
CA PRO B 169 3.38 6.82 -5.47
C PRO B 169 4.51 5.92 -5.02
N GLU B 170 5.75 6.41 -5.13
CA GLU B 170 6.91 5.68 -4.62
C GLU B 170 6.83 5.60 -3.11
N GLN B 171 6.48 4.42 -2.59
CA GLN B 171 6.20 4.25 -1.18
C GLN B 171 7.43 4.41 -0.30
N SER B 172 7.24 5.07 0.84
CA SER B 172 8.31 5.25 1.82
C SER B 172 8.80 3.92 2.39
N LYS B 173 10.11 3.82 2.59
CA LYS B 173 10.70 2.62 3.19
C LYS B 173 10.29 2.47 4.65
N ARG B 174 9.81 3.56 5.25
CA ARG B 174 9.26 3.53 6.61
C ARG B 174 7.88 2.92 6.64
N SER B 175 7.17 3.01 5.51
CA SER B 175 5.75 2.67 5.46
C SER B 175 5.51 1.18 5.55
N THR B 176 4.52 0.80 6.35
CA THR B 176 4.10 -0.58 6.44
C THR B 176 3.41 -0.96 5.14
N MET B 177 3.83 -2.07 4.56
CA MET B 177 3.34 -2.44 3.24
C MET B 177 2.02 -3.21 3.33
N VAL B 178 1.00 -2.68 2.67
CA VAL B 178 -0.30 -3.35 2.61
C VAL B 178 -0.54 -3.91 1.21
N GLY B 179 -0.94 -5.18 1.15
CA GLY B 179 -1.15 -5.83 -0.13
C GLY B 179 0.16 -6.24 -0.76
N THR B 180 0.11 -7.28 -1.59
CA THR B 180 1.30 -7.82 -2.22
C THR B 180 1.52 -7.26 -3.63
N PRO B 181 2.71 -6.67 -3.86
CA PRO B 181 3.07 -6.23 -5.21
C PRO B 181 3.58 -7.40 -6.04
N TYR B 182 2.68 -8.33 -6.36
CA TYR B 182 3.05 -9.57 -7.02
C TYR B 182 3.60 -9.35 -8.43
N TRP B 183 3.31 -8.20 -9.02
CA TRP B 183 3.64 -7.96 -10.43
C TRP B 183 5.00 -7.31 -10.64
N MET B 184 5.65 -6.93 -9.54
CA MET B 184 6.87 -6.12 -9.61
C MET B 184 8.14 -6.94 -9.85
N ALA B 185 8.94 -6.48 -10.80
CA ALA B 185 10.21 -7.12 -11.14
C ALA B 185 11.17 -7.11 -9.93
N PRO B 186 12.15 -8.03 -9.92
CA PRO B 186 13.13 -8.06 -8.82
C PRO B 186 13.90 -6.74 -8.68
N GLU B 187 14.18 -6.06 -9.79
CA GLU B 187 14.96 -4.82 -9.73
C GLU B 187 14.14 -3.68 -9.14
N VAL B 188 12.81 -3.77 -9.23
CA VAL B 188 11.93 -2.79 -8.60
C VAL B 188 11.82 -3.05 -7.10
N VAL B 189 11.64 -4.31 -6.75
CA VAL B 189 11.46 -4.75 -5.37
C VAL B 189 12.71 -4.45 -4.53
N THR B 190 13.89 -4.62 -5.11
CA THR B 190 15.12 -4.31 -4.42
C THR B 190 15.44 -2.82 -4.49
N ARG B 191 14.45 -2.02 -4.88
CA ARG B 191 14.56 -0.56 -4.98
C ARG B 191 15.79 -0.09 -5.76
N LYS B 192 16.13 -0.81 -6.82
CA LYS B 192 17.19 -0.39 -7.72
C LYS B 192 16.66 0.58 -8.76
N ALA B 193 17.55 1.12 -9.59
CA ALA B 193 17.14 1.85 -10.76
C ALA B 193 16.64 0.83 -11.77
N TYR B 194 15.55 1.14 -12.46
CA TYR B 194 15.00 0.17 -13.40
C TYR B 194 14.59 0.83 -14.71
N GLY B 195 14.18 0.00 -15.67
CA GLY B 195 13.82 0.50 -16.98
C GLY B 195 12.54 -0.15 -17.47
N PRO B 196 12.23 0.03 -18.77
CA PRO B 196 11.01 -0.45 -19.41
C PRO B 196 10.77 -1.95 -19.24
N LYS B 197 11.83 -2.72 -19.01
CA LYS B 197 11.70 -4.17 -18.99
C LYS B 197 11.00 -4.69 -17.73
N VAL B 198 10.73 -3.81 -16.78
CA VAL B 198 9.97 -4.22 -15.61
C VAL B 198 8.53 -4.54 -16.02
N ASP B 199 8.07 -3.89 -17.10
CA ASP B 199 6.76 -4.16 -17.68
C ASP B 199 6.69 -5.56 -18.29
N ILE B 200 7.78 -5.95 -18.94
CA ILE B 200 7.89 -7.28 -19.53
C ILE B 200 7.75 -8.32 -18.43
N TRP B 201 8.45 -8.10 -17.33
CA TRP B 201 8.33 -8.97 -16.15
C TRP B 201 6.87 -9.11 -15.74
N SER B 202 6.22 -7.98 -15.49
CA SER B 202 4.84 -7.98 -15.05
C SER B 202 3.92 -8.67 -16.05
N LEU B 203 4.22 -8.49 -17.34
CA LEU B 203 3.47 -9.17 -18.39
C LEU B 203 3.62 -10.68 -18.20
N GLY B 204 4.85 -11.11 -17.93
CA GLY B 204 5.12 -12.51 -17.64
C GLY B 204 4.27 -13.00 -16.48
N ILE B 205 4.20 -12.21 -15.41
CA ILE B 205 3.37 -12.54 -14.26
C ILE B 205 1.88 -12.62 -14.62
N MET B 206 1.44 -11.74 -15.52
CA MET B 206 0.03 -11.73 -15.91
C MET B 206 -0.31 -12.94 -16.79
N ALA B 207 0.65 -13.38 -17.60
CA ALA B 207 0.46 -14.56 -18.43
C ALA B 207 0.25 -15.80 -17.56
N ILE B 208 1.05 -15.94 -16.51
CA ILE B 208 0.89 -17.02 -15.55
C ILE B 208 -0.49 -16.96 -14.89
N GLU B 209 -0.91 -15.74 -14.53
CA GLU B 209 -2.23 -15.52 -13.96
C GLU B 209 -3.33 -16.01 -14.89
N MET B 210 -3.21 -15.64 -16.16
CA MET B 210 -4.22 -15.98 -17.15
C MET B 210 -4.45 -17.49 -17.27
N ILE B 211 -3.43 -18.29 -17.02
CA ILE B 211 -3.57 -19.74 -17.17
C ILE B 211 -3.83 -20.44 -15.84
N GLU B 212 -3.45 -19.82 -14.73
CA GLU B 212 -3.62 -20.45 -13.43
C GLU B 212 -4.89 -19.99 -12.70
N GLY B 213 -5.51 -18.92 -13.19
CA GLY B 213 -6.67 -18.35 -12.52
C GLY B 213 -6.31 -17.20 -11.59
N GLU B 214 -5.18 -17.30 -10.89
CA GLU B 214 -4.74 -16.27 -9.95
C GLU B 214 -3.29 -15.91 -10.17
N PRO B 215 -2.91 -14.65 -9.86
CA PRO B 215 -1.49 -14.28 -9.96
C PRO B 215 -0.64 -15.00 -8.92
N PRO B 216 0.63 -15.23 -9.23
CA PRO B 216 1.57 -15.81 -8.26
C PRO B 216 1.82 -14.86 -7.10
N TYR B 217 2.27 -15.38 -5.96
CA TYR B 217 2.63 -14.59 -4.79
C TYR B 217 1.44 -13.91 -4.12
N LEU B 218 0.29 -13.91 -4.79
CA LEU B 218 -0.88 -13.14 -4.36
C LEU B 218 -1.35 -13.52 -2.95
N ASN B 219 -1.23 -14.80 -2.62
CA ASN B 219 -1.72 -15.31 -1.34
C ASN B 219 -0.60 -15.49 -0.31
N GLU B 220 0.41 -14.63 -0.40
CA GLU B 220 1.49 -14.59 0.57
C GLU B 220 1.44 -13.28 1.33
N ASN B 221 2.04 -13.27 2.53
CA ASN B 221 2.33 -12.01 3.20
C ASN B 221 3.24 -11.20 2.30
N PRO B 222 2.97 -9.89 2.18
CA PRO B 222 3.72 -9.00 1.28
C PRO B 222 5.23 -9.18 1.40
N LEU B 223 5.71 -9.23 2.64
CA LEU B 223 7.14 -9.30 2.91
C LEU B 223 7.77 -10.61 2.46
N ARG B 224 7.05 -11.71 2.65
CA ARG B 224 7.50 -13.01 2.14
C ARG B 224 7.58 -12.96 0.62
N ALA B 225 6.56 -12.38 -0.01
CA ALA B 225 6.53 -12.27 -1.45
C ALA B 225 7.67 -11.40 -1.97
N LEU B 226 7.90 -10.30 -1.28
CA LEU B 226 9.01 -9.39 -1.57
C LEU B 226 10.32 -10.16 -1.64
N TYR B 227 10.59 -10.93 -0.59
CA TYR B 227 11.78 -11.75 -0.53
C TYR B 227 11.82 -12.78 -1.65
N LEU B 228 10.68 -13.44 -1.89
CA LEU B 228 10.61 -14.46 -2.91
C LEU B 228 10.83 -13.88 -4.30
N ILE B 229 10.18 -12.76 -4.59
CA ILE B 229 10.34 -12.09 -5.88
C ILE B 229 11.81 -11.69 -6.09
N ALA B 230 12.46 -11.26 -5.02
CA ALA B 230 13.84 -10.82 -5.11
C ALA B 230 14.82 -11.98 -5.28
N THR B 231 14.61 -13.06 -4.55
CA THR B 231 15.58 -14.16 -4.51
C THR B 231 15.32 -15.24 -5.57
N ASN B 232 14.12 -15.82 -5.55
CA ASN B 232 13.78 -16.85 -6.52
C ASN B 232 13.40 -16.27 -7.87
N GLY B 233 12.96 -15.02 -7.87
CA GLY B 233 12.44 -14.40 -9.08
C GLY B 233 10.99 -14.75 -9.28
N THR B 234 10.74 -15.72 -10.16
CA THR B 234 9.39 -16.19 -10.40
C THR B 234 9.23 -17.59 -9.82
N PRO B 235 8.03 -17.92 -9.31
CA PRO B 235 7.86 -19.27 -8.76
C PRO B 235 7.67 -20.29 -9.87
N GLU B 236 8.08 -21.52 -9.65
CA GLU B 236 7.79 -22.58 -10.61
C GLU B 236 6.28 -22.76 -10.68
N LEU B 237 5.78 -23.08 -11.87
CA LEU B 237 4.35 -23.20 -12.11
C LEU B 237 3.70 -24.23 -11.19
N GLN B 238 2.40 -24.09 -10.98
CA GLN B 238 1.64 -25.09 -10.23
C GLN B 238 1.80 -26.44 -10.91
N ASN B 239 1.28 -26.55 -12.13
CA ASN B 239 1.53 -27.70 -12.98
C ASN B 239 2.14 -27.25 -14.29
N PRO B 240 3.48 -27.20 -14.35
CA PRO B 240 4.20 -26.75 -15.55
C PRO B 240 3.98 -27.66 -16.75
N GLU B 241 3.55 -28.89 -16.52
CA GLU B 241 3.34 -29.83 -17.61
C GLU B 241 2.00 -29.57 -18.30
N LYS B 242 1.22 -28.67 -17.72
CA LYS B 242 -0.02 -28.23 -18.34
C LYS B 242 0.26 -27.23 -19.46
N LEU B 243 1.43 -26.61 -19.40
CA LEU B 243 1.79 -25.58 -20.36
C LEU B 243 2.60 -26.17 -21.51
N SER B 244 2.31 -25.75 -22.73
CA SER B 244 3.08 -26.17 -23.90
C SER B 244 4.52 -25.68 -23.79
N ALA B 245 5.41 -26.32 -24.53
CA ALA B 245 6.82 -25.98 -24.50
C ALA B 245 7.07 -24.54 -24.91
N ILE B 246 6.42 -24.12 -25.98
CA ILE B 246 6.69 -22.80 -26.53
C ILE B 246 6.11 -21.70 -25.62
N PHE B 247 5.03 -22.02 -24.92
CA PHE B 247 4.44 -21.10 -23.94
C PHE B 247 5.38 -20.94 -22.76
N ARG B 248 5.90 -22.06 -22.26
CA ARG B 248 6.86 -22.03 -21.16
C ARG B 248 8.09 -21.22 -21.54
N ASP B 249 8.50 -21.32 -22.81
CA ASP B 249 9.64 -20.55 -23.30
C ASP B 249 9.36 -19.06 -23.27
N PHE B 250 8.17 -18.67 -23.72
CA PHE B 250 7.73 -17.27 -23.68
C PHE B 250 7.84 -16.72 -22.27
N LEU B 251 7.30 -17.48 -21.31
CA LEU B 251 7.37 -17.10 -19.90
C LEU B 251 8.82 -16.88 -19.47
N ASN B 252 9.70 -17.80 -19.86
CA ASN B 252 11.11 -17.70 -19.52
C ASN B 252 11.77 -16.45 -20.08
N ARG B 253 11.40 -16.06 -21.29
CA ARG B 253 11.92 -14.84 -21.88
C ARG B 253 11.41 -13.59 -21.12
N CYS B 254 10.22 -13.70 -20.53
CA CYS B 254 9.62 -12.58 -19.78
C CYS B 254 10.13 -12.50 -18.35
N LEU B 255 10.39 -13.66 -17.74
CA LEU B 255 10.66 -13.71 -16.30
C LEU B 255 12.12 -14.06 -16.02
N GLU B 256 12.99 -13.62 -16.92
CA GLU B 256 14.44 -13.68 -16.69
C GLU B 256 14.84 -12.61 -15.66
N MET B 257 15.54 -13.02 -14.61
CA MET B 257 15.89 -12.12 -13.52
C MET B 257 16.95 -11.10 -13.94
N ASP B 258 17.80 -11.50 -14.89
CA ASP B 258 18.80 -10.59 -15.41
C ASP B 258 18.19 -9.70 -16.49
N VAL B 259 18.05 -8.42 -16.18
CA VAL B 259 17.39 -7.45 -17.05
C VAL B 259 17.92 -7.48 -18.48
N GLU B 260 19.23 -7.66 -18.64
CA GLU B 260 19.84 -7.69 -19.95
C GLU B 260 19.42 -8.93 -20.76
N LYS B 261 19.26 -10.06 -20.09
CA LYS B 261 18.87 -11.29 -20.78
C LYS B 261 17.37 -11.30 -21.03
N ARG B 262 16.61 -10.62 -20.16
CA ARG B 262 15.17 -10.50 -20.30
C ARG B 262 14.80 -9.84 -21.62
N GLY B 263 13.71 -10.29 -22.24
CA GLY B 263 13.30 -9.77 -23.53
C GLY B 263 12.79 -8.34 -23.50
N SER B 264 12.92 -7.66 -24.63
CA SER B 264 12.27 -6.37 -24.82
C SER B 264 10.91 -6.59 -25.48
N ALA B 265 10.08 -5.55 -25.50
CA ALA B 265 8.78 -5.63 -26.15
C ALA B 265 8.94 -5.93 -27.63
N LYS B 266 9.83 -5.21 -28.29
CA LYS B 266 10.06 -5.40 -29.72
C LYS B 266 10.49 -6.84 -30.01
N GLU B 267 11.34 -7.40 -29.15
CA GLU B 267 11.83 -8.76 -29.35
C GLU B 267 10.72 -9.79 -29.18
N LEU B 268 9.96 -9.65 -28.09
CA LEU B 268 8.96 -10.64 -27.73
C LEU B 268 7.78 -10.66 -28.70
N LEU B 269 7.59 -9.56 -29.43
CA LEU B 269 6.56 -9.53 -30.45
C LEU B 269 6.88 -10.47 -31.60
N GLN B 270 8.11 -10.98 -31.61
CA GLN B 270 8.57 -11.88 -32.66
C GLN B 270 8.61 -13.32 -32.16
N HIS B 271 8.24 -13.53 -30.91
CA HIS B 271 8.31 -14.86 -30.30
C HIS B 271 7.27 -15.83 -30.90
N GLN B 272 7.66 -17.10 -31.03
CA GLN B 272 6.84 -18.12 -31.67
C GLN B 272 5.49 -18.34 -30.97
N PHE B 273 5.46 -18.11 -29.67
CA PHE B 273 4.26 -18.36 -28.88
C PHE B 273 3.09 -17.51 -29.37
N LEU B 274 3.40 -16.30 -29.82
CA LEU B 274 2.36 -15.36 -30.24
C LEU B 274 1.75 -15.81 -31.56
N LYS B 275 2.44 -16.69 -32.25
CA LYS B 275 1.99 -17.14 -33.54
C LYS B 275 0.87 -18.18 -33.43
N ILE B 276 0.60 -18.67 -32.22
CA ILE B 276 -0.57 -19.53 -32.02
C ILE B 276 -1.79 -18.73 -31.55
N ALA B 277 -1.68 -17.40 -31.58
CA ALA B 277 -2.78 -16.54 -31.14
C ALA B 277 -4.05 -16.71 -31.97
N LYS B 278 -5.17 -16.87 -31.28
CA LYS B 278 -6.47 -16.87 -31.94
C LYS B 278 -6.85 -15.44 -32.27
N PRO B 279 -7.79 -15.25 -33.22
CA PRO B 279 -8.33 -13.92 -33.48
C PRO B 279 -8.97 -13.33 -32.21
N LEU B 280 -9.03 -12.00 -32.12
CA LEU B 280 -9.58 -11.33 -30.94
C LEU B 280 -11.06 -11.66 -30.72
N SER B 281 -11.75 -12.07 -31.79
CA SER B 281 -13.15 -12.45 -31.67
C SER B 281 -13.30 -13.66 -30.73
N SER B 282 -12.21 -14.43 -30.58
CA SER B 282 -12.23 -15.58 -29.70
C SER B 282 -12.28 -15.15 -28.23
N LEU B 283 -12.11 -13.86 -27.98
CA LEU B 283 -12.19 -13.33 -26.63
C LEU B 283 -13.63 -12.96 -26.22
N THR B 284 -14.50 -12.73 -27.19
CA THR B 284 -15.86 -12.28 -26.84
C THR B 284 -16.70 -13.36 -26.12
N PRO B 285 -16.44 -14.66 -26.36
CA PRO B 285 -17.22 -15.55 -25.49
C PRO B 285 -16.72 -15.56 -24.05
N LEU B 286 -15.46 -15.20 -23.85
CA LEU B 286 -14.89 -15.08 -22.51
C LEU B 286 -15.56 -13.91 -21.79
N ILE B 287 -15.81 -12.84 -22.53
CA ILE B 287 -16.47 -11.68 -21.97
C ILE B 287 -17.92 -11.99 -21.60
N ALA B 288 -18.62 -12.70 -22.49
CA ALA B 288 -19.99 -13.14 -22.22
C ALA B 288 -20.06 -14.00 -20.94
N ALA B 289 -19.13 -14.94 -20.83
CA ALA B 289 -19.04 -15.79 -19.66
C ALA B 289 -18.77 -14.98 -18.39
N ALA B 290 -17.83 -14.04 -18.47
CA ALA B 290 -17.46 -13.23 -17.32
C ALA B 290 -18.63 -12.38 -16.84
N LYS B 291 -19.40 -11.84 -17.78
CA LYS B 291 -20.53 -10.98 -17.43
C LYS B 291 -21.71 -11.77 -16.89
N GLU B 292 -21.86 -13.01 -17.37
CA GLU B 292 -22.90 -13.88 -16.81
C GLU B 292 -22.53 -14.28 -15.39
N ALA B 293 -21.24 -14.51 -15.15
CA ALA B 293 -20.77 -14.96 -13.84
C ALA B 293 -20.87 -13.84 -12.79
N THR B 294 -20.80 -12.60 -13.25
CA THR B 294 -20.81 -11.44 -12.35
C THR B 294 -22.12 -10.69 -12.44
N LYS B 295 -23.21 -11.40 -12.11
CA LYS B 295 -24.62 -10.98 -12.26
C LYS B 295 -25.10 -11.19 -13.70
N3 4T5 C . -1.95 12.35 13.29
C4 4T5 C . -1.26 12.61 12.20
C6 4T5 C . -0.85 14.78 12.87
C8 4T5 C . -1.97 10.43 11.35
C13 4T5 C . 0.41 6.84 11.96
C15 4T5 C . 1.02 8.01 11.17
C24 4T5 C . -4.20 11.06 14.65
C26 4T5 C . -5.60 8.65 13.26
C1 4T5 C . -1.56 14.54 14.03
C2 4T5 C . -2.13 13.28 14.23
N5 4T5 C . -0.72 13.81 11.98
N7 4T5 C . -1.11 11.61 11.25
C9 4T5 C . -1.18 9.14 11.11
C11 4T5 C . -1.77 8.02 11.97
C12 4T5 C . -1.08 6.71 11.64
C16 4T5 C . 0.28 9.31 11.50
N17 4T5 C . 1.10 5.59 11.63
N18 4T5 C . -2.82 13.01 15.39
C19 4T5 C . -3.76 11.99 15.56
N20 4T5 C . -4.40 11.74 16.72
N22 4T5 C . -5.26 10.64 16.53
C23 4T5 C . -5.15 10.25 15.29
C25 4T5 C . -5.91 9.09 14.69
C27 4T5 C . -5.16 7.77 14.45
S SO4 D . -1.27 -14.08 10.77
O1 SO4 D . -2.21 -15.04 10.16
O2 SO4 D . -0.69 -13.27 9.71
O3 SO4 D . -2.00 -13.24 11.71
O4 SO4 D . -0.22 -14.81 11.47
S SO4 E . 2.61 3.90 8.38
O1 SO4 E . 2.30 2.53 8.79
O2 SO4 E . 1.99 4.18 7.09
O3 SO4 E . 2.11 4.84 9.38
O4 SO4 E . 4.07 4.05 8.26
N3 4T5 F . -14.12 0.51 -16.83
C4 4T5 F . -14.47 0.02 -15.65
C6 4T5 F . -15.80 -1.60 -16.64
C8 4T5 F . -13.19 1.85 -14.66
C13 4T5 F . -9.54 -0.19 -13.54
C15 4T5 F . -10.12 0.84 -12.57
C24 4T5 F . -12.93 2.55 -18.57
C26 4T5 F . -11.35 4.96 -17.32
C1 4T5 F . -15.46 -1.11 -17.89
C2 4T5 F . -14.58 -0.01 -17.96
N5 4T5 F . -15.30 -1.02 -15.55
N7 4T5 F . -13.96 0.62 -14.51
C9 4T5 F . -11.71 1.61 -14.32
C11 4T5 F . -11.11 0.60 -15.30
C12 4T5 F . -9.63 0.38 -14.96
C16 4T5 F . -11.59 1.08 -12.89
N17 4T5 F . -8.14 -0.46 -13.19
N18 4T5 F . -14.22 0.49 -19.21
C19 4T5 F . -13.45 1.63 -19.44
N20 4T5 F . -13.05 1.99 -20.69
N22 4T5 F . -12.29 3.16 -20.57
C23 4T5 F . -12.22 3.51 -19.31
C25 4T5 F . -11.47 4.72 -18.82
C27 4T5 F . -10.14 4.49 -18.12
S DMS G . -5.04 6.47 -19.55
O DMS G . -5.11 6.11 -18.09
C1 DMS G . -3.40 7.13 -19.95
C2 DMS G . -4.98 4.95 -20.53
#